data_9B9Y
#
_entry.id   9B9Y
#
_cell.length_a   1.00
_cell.length_b   1.00
_cell.length_c   1.00
_cell.angle_alpha   90.00
_cell.angle_beta   90.00
_cell.angle_gamma   90.00
#
_symmetry.space_group_name_H-M   'P 1'
#
loop_
_entity.id
_entity.type
_entity.pdbx_description
1 polymer 'Cannabinoid receptor 1,Glycogen synthase'
2 polymer CNb36
3 non-polymer N-[(2S,3S)-4-(4-chlorophenyl)-3-(3-cyanophenyl)butan-2-yl]-2-methyl-2-{[5-(trifluoromethyl)pyridin-2-yl]oxy}propanamide
#
loop_
_entity_poly.entity_id
_entity_poly.type
_entity_poly.pdbx_seq_one_letter_code
_entity_poly.pdbx_strand_id
1 'polypeptide(L)'
;DYKDDDDAMDQVNITEFYNKSLSSFENLYFQGGIQCGENFMDIECFMVLNPSQQLAIAVLSLTLGTFTVLENLLVLCVIL
HSRSLRCRPSYHFIGSLAVADLLGSVIFVYSFIDFHVFHRKDSRNVFLFKLGGVTASFTAKVGSLFLAAIDRYISIHRPL
AYKRIVTRPKAVVAFCLMWTIAIVIAVLPLLGWNCEKLQSVCSDIFPHIDKTYLMFWIGVVSVLLLFIVYAYMYILWKAG
IDCSFWNESYLTGSRDERKKSLLSKFGMDEGVTFMFIGRFDRGQKGVDVLLKAIEILSSKKEFQEMRFIIIGKGDPELEG
WARSLEEKHGNVKVITEMLSREFVRELYGSVDFVIIPSYFEPFGLVALEAMCLGAIPIASAVGGLRDIITNETGILVKAG
DPGELANAILKALELSRSDLSKFRENCKKRAMSFSDQARMDIELAKTLVLILVVLIICWGPLLAIMVYDVFGKMNKLIKT
VFAFCSMLCLLNSTVNPIIYALRSKDLRHAFRSMFPSCENLYFQGHHHHHHHHHH
;
R
2 'polypeptide(L)'
;QVQLQESGGGLVQAGGSLRLSCAASGTIFGPDVMGWYRQAPGKERELVAGISNGANTYYADSVKGRFTISRDNAKNTVYL
QMNSLKPEDTAVYYCAAEVLDYTFAYLYHAYWGQGTQVTVSSHHHHHH
;
N
#
# COMPACT_ATOMS: atom_id res chain seq x y z
N GLU A 38 46.74 15.42 4.82
CA GLU A 38 47.36 14.38 5.64
C GLU A 38 46.73 14.36 7.03
N ASN A 39 45.93 15.38 7.33
CA ASN A 39 45.29 15.53 8.62
C ASN A 39 43.80 15.78 8.43
N PHE A 40 42.99 15.17 9.29
CA PHE A 40 41.54 15.29 9.21
C PHE A 40 41.07 16.52 9.98
N MET A 41 40.22 17.32 9.32
CA MET A 41 39.63 18.54 9.89
C MET A 41 40.71 19.52 10.35
N ASP A 42 41.51 19.97 9.38
CA ASP A 42 42.47 21.06 9.59
C ASP A 42 41.96 22.25 8.78
N ILE A 43 41.34 23.20 9.46
CA ILE A 43 40.74 24.34 8.79
C ILE A 43 41.80 25.23 8.15
N GLU A 44 42.97 25.35 8.79
CA GLU A 44 44.03 26.21 8.27
C GLU A 44 44.64 25.67 6.98
N CYS A 45 44.54 24.36 6.73
CA CYS A 45 45.05 23.81 5.48
C CYS A 45 44.25 24.29 4.29
N PHE A 46 42.93 24.39 4.43
CA PHE A 46 42.07 24.78 3.31
C PHE A 46 41.93 26.28 3.15
N MET A 47 41.95 27.03 4.25
CA MET A 47 41.79 28.48 4.17
C MET A 47 42.50 29.12 5.36
N VAL A 48 42.99 30.33 5.14
CA VAL A 48 43.71 31.08 6.17
C VAL A 48 42.69 31.83 7.02
N LEU A 49 42.65 31.49 8.31
CA LEU A 49 41.63 31.99 9.22
C LEU A 49 42.24 33.04 10.14
N ASN A 50 41.51 34.13 10.33
CA ASN A 50 41.99 35.24 11.16
C ASN A 50 42.09 34.79 12.61
N PRO A 51 43.26 34.93 13.27
CA PRO A 51 43.44 34.38 14.62
C PRO A 51 42.56 34.99 15.71
N SER A 52 41.64 35.89 15.35
CA SER A 52 40.77 36.52 16.33
C SER A 52 39.47 35.74 16.58
N GLN A 53 39.22 34.65 15.85
CA GLN A 53 37.93 33.99 16.00
C GLN A 53 38.04 32.46 16.01
N GLN A 54 39.16 31.90 16.45
CA GLN A 54 39.22 30.46 16.67
C GLN A 54 38.28 30.05 17.79
N LEU A 55 38.19 30.86 18.85
CA LEU A 55 37.34 30.52 19.99
C LEU A 55 35.86 30.51 19.59
N ALA A 56 35.44 31.47 18.77
CA ALA A 56 34.04 31.50 18.33
C ALA A 56 33.70 30.30 17.47
N ILE A 57 34.59 29.94 16.53
CA ILE A 57 34.35 28.78 15.69
C ILE A 57 34.32 27.50 16.54
N ALA A 58 35.23 27.38 17.49
CA ALA A 58 35.28 26.20 18.34
C ALA A 58 34.02 26.07 19.19
N VAL A 59 33.57 27.18 19.80
CA VAL A 59 32.40 27.10 20.67
C VAL A 59 31.14 26.86 19.84
N LEU A 60 31.08 27.42 18.63
CA LEU A 60 29.94 27.14 17.76
C LEU A 60 29.90 25.67 17.36
N SER A 61 31.07 25.10 17.04
CA SER A 61 31.13 23.68 16.70
C SER A 61 30.72 22.81 17.88
N LEU A 62 31.16 23.17 19.09
CA LEU A 62 30.76 22.41 20.27
C LEU A 62 29.25 22.48 20.51
N THR A 63 28.67 23.69 20.44
CA THR A 63 27.23 23.81 20.66
C THR A 63 26.44 23.03 19.61
N LEU A 64 26.84 23.14 18.35
CA LEU A 64 26.13 22.42 17.29
C LEU A 64 26.26 20.91 17.46
N GLY A 65 27.47 20.42 17.74
CA GLY A 65 27.67 18.99 17.88
C GLY A 65 26.93 18.41 19.07
N THR A 66 27.02 19.07 20.23
CA THR A 66 26.31 18.58 21.41
C THR A 66 24.81 18.69 21.23
N PHE A 67 24.33 19.73 20.56
CA PHE A 67 22.90 19.83 20.29
C PHE A 67 22.42 18.68 19.42
N THR A 68 23.20 18.35 18.38
CA THR A 68 22.84 17.23 17.51
C THR A 68 22.84 15.92 18.27
N VAL A 69 23.86 15.69 19.10
CA VAL A 69 23.95 14.41 19.81
C VAL A 69 22.83 14.26 20.82
N LEU A 70 22.58 15.30 21.63
CA LEU A 70 21.52 15.21 22.63
C LEU A 70 20.15 15.08 21.98
N GLU A 71 19.90 15.82 20.91
CA GLU A 71 18.59 15.72 20.27
C GLU A 71 18.42 14.40 19.52
N ASN A 72 19.50 13.81 19.02
CA ASN A 72 19.39 12.50 18.39
C ASN A 72 19.14 11.41 19.43
N LEU A 73 19.84 11.46 20.57
CA LEU A 73 19.51 10.53 21.66
C LEU A 73 18.10 10.73 22.17
N LEU A 74 17.61 11.97 22.18
CA LEU A 74 16.20 12.21 22.52
C LEU A 74 15.27 11.52 21.53
N VAL A 75 15.60 11.60 20.23
CA VAL A 75 14.76 10.96 19.21
C VAL A 75 14.79 9.45 19.38
N LEU A 76 15.96 8.86 19.64
CA LEU A 76 16.03 7.42 19.90
C LEU A 76 15.23 7.03 21.14
N CYS A 77 15.33 7.81 22.21
CA CYS A 77 14.58 7.50 23.43
C CYS A 77 13.09 7.55 23.18
N VAL A 78 12.62 8.56 22.43
CA VAL A 78 11.20 8.66 22.13
C VAL A 78 10.74 7.50 21.24
N ILE A 79 11.52 7.17 20.20
CA ILE A 79 11.09 6.16 19.24
C ILE A 79 11.19 4.75 19.84
N LEU A 80 12.02 4.57 20.87
CA LEU A 80 12.20 3.25 21.47
C LEU A 80 11.34 3.03 22.71
N HIS A 81 11.07 4.08 23.48
CA HIS A 81 10.29 3.94 24.70
C HIS A 81 8.79 3.93 24.46
N SER A 82 8.35 4.15 23.23
CA SER A 82 6.93 4.16 22.89
C SER A 82 6.55 2.87 22.19
N ARG A 83 5.51 2.20 22.68
CA ARG A 83 5.07 0.95 22.07
C ARG A 83 4.39 1.21 20.73
N SER A 84 3.64 2.30 20.61
CA SER A 84 2.87 2.56 19.40
C SER A 84 3.77 2.79 18.20
N LEU A 85 4.85 3.56 18.38
CA LEU A 85 5.74 3.85 17.27
C LEU A 85 6.63 2.68 16.91
N ARG A 86 7.10 1.92 17.91
CA ARG A 86 8.01 0.83 17.61
C ARG A 86 7.29 -0.35 16.97
N CYS A 87 6.00 -0.53 17.25
CA CYS A 87 5.23 -1.59 16.63
C CYS A 87 4.78 -1.27 15.20
N ARG A 88 5.00 -0.04 14.74
CA ARG A 88 4.63 0.33 13.38
C ARG A 88 5.86 0.27 12.49
N PRO A 89 5.91 -0.63 11.51
CA PRO A 89 7.07 -0.69 10.61
C PRO A 89 7.28 0.58 9.80
N SER A 90 6.20 1.28 9.45
CA SER A 90 6.27 2.43 8.55
C SER A 90 7.08 3.58 9.12
N TYR A 91 7.25 3.65 10.44
CA TYR A 91 8.05 4.68 11.07
C TYR A 91 9.49 4.25 11.31
N HIS A 92 9.84 3.00 10.98
CA HIS A 92 11.15 2.46 11.28
C HIS A 92 12.27 3.31 10.70
N PHE A 93 12.06 3.83 9.49
CA PHE A 93 13.07 4.65 8.81
C PHE A 93 13.54 5.80 9.69
N ILE A 94 12.62 6.40 10.46
CA ILE A 94 12.98 7.53 11.31
C ILE A 94 14.10 7.12 12.26
N GLY A 95 13.91 5.99 12.95
CA GLY A 95 14.96 5.50 13.83
C GLY A 95 16.26 5.29 13.09
N SER A 96 16.17 4.66 11.91
CA SER A 96 17.36 4.44 11.09
C SER A 96 18.02 5.78 10.76
N LEU A 97 17.22 6.75 10.32
CA LEU A 97 17.77 8.07 10.01
C LEU A 97 18.41 8.66 11.25
N ALA A 98 17.74 8.52 12.40
CA ALA A 98 18.29 9.05 13.64
C ALA A 98 19.62 8.38 13.96
N VAL A 99 19.71 7.07 13.75
CA VAL A 99 20.97 6.37 13.98
C VAL A 99 22.03 6.92 13.03
N ALA A 100 21.67 7.12 11.77
CA ALA A 100 22.59 7.74 10.83
C ALA A 100 22.92 9.16 11.27
N ASP A 101 21.91 9.88 11.78
CA ASP A 101 22.15 11.22 12.28
C ASP A 101 23.10 11.21 13.48
N LEU A 102 23.13 10.10 14.20
CA LEU A 102 24.13 9.96 15.26
C LEU A 102 25.51 9.70 14.67
N LEU A 103 25.59 8.83 13.66
CA LEU A 103 26.88 8.35 13.19
C LEU A 103 27.69 9.47 12.55
N GLY A 104 27.03 10.38 11.84
CA GLY A 104 27.72 11.53 11.31
C GLY A 104 28.00 12.63 12.31
N SER A 105 27.40 12.56 13.49
CA SER A 105 27.53 13.65 14.46
C SER A 105 28.68 13.39 15.44
N VAL A 106 28.66 12.24 16.11
CA VAL A 106 29.67 11.92 17.12
C VAL A 106 31.05 11.88 16.50
N ILE A 107 31.17 11.22 15.35
CA ILE A 107 32.44 11.16 14.61
C ILE A 107 32.91 12.56 14.23
N PHE A 108 31.97 13.50 14.08
CA PHE A 108 32.37 14.90 13.98
C PHE A 108 33.03 15.37 15.27
N VAL A 109 32.28 15.37 16.38
CA VAL A 109 32.74 16.07 17.58
C VAL A 109 33.95 15.37 18.19
N TYR A 110 33.99 14.04 18.13
CA TYR A 110 35.17 13.31 18.59
C TYR A 110 36.40 13.70 17.77
N SER A 111 36.23 13.86 16.46
CA SER A 111 37.34 14.30 15.63
C SER A 111 37.75 15.73 15.95
N PHE A 112 36.87 16.52 16.56
CA PHE A 112 37.33 17.82 17.05
C PHE A 112 38.14 17.65 18.33
N ILE A 113 37.73 16.70 19.17
CA ILE A 113 38.45 16.44 20.41
C ILE A 113 39.80 15.82 20.12
N ASP A 114 39.85 14.92 19.13
CA ASP A 114 41.08 14.24 18.77
C ASP A 114 42.11 15.15 18.12
N PHE A 115 41.73 16.38 17.74
CA PHE A 115 42.65 17.28 17.07
C PHE A 115 42.94 18.55 17.86
N HIS A 116 41.90 19.28 18.30
CA HIS A 116 42.14 20.59 18.88
C HIS A 116 42.54 20.53 20.35
N VAL A 117 41.66 20.00 21.20
CA VAL A 117 41.97 19.97 22.63
C VAL A 117 43.06 18.94 22.92
N PHE A 118 43.10 17.85 22.15
CA PHE A 118 44.19 16.89 22.19
C PHE A 118 44.91 16.98 20.85
N HIS A 119 46.15 17.45 20.86
CA HIS A 119 46.87 17.77 19.63
C HIS A 119 47.50 16.54 18.98
N ARG A 120 47.02 15.34 19.30
CA ARG A 120 47.53 14.13 18.67
C ARG A 120 47.17 14.10 17.19
N LYS A 121 48.12 13.68 16.37
CA LYS A 121 47.89 13.56 14.94
C LYS A 121 47.07 12.32 14.64
N ASP A 122 46.67 12.19 13.37
CA ASP A 122 45.85 11.07 12.92
C ASP A 122 46.64 10.18 11.99
N SER A 123 46.64 8.88 12.29
CA SER A 123 47.28 7.90 11.42
C SER A 123 46.35 7.57 10.25
N ARG A 124 46.78 6.63 9.41
CA ARG A 124 45.96 6.22 8.28
C ARG A 124 44.70 5.51 8.74
N ASN A 125 44.81 4.63 9.73
CA ASN A 125 43.68 3.80 10.14
C ASN A 125 42.55 4.63 10.72
N VAL A 126 42.87 5.59 11.60
CA VAL A 126 41.81 6.39 12.22
C VAL A 126 41.19 7.35 11.20
N PHE A 127 41.99 7.86 10.27
CA PHE A 127 41.45 8.73 9.24
C PHE A 127 40.49 7.97 8.33
N LEU A 128 40.86 6.76 7.93
CA LEU A 128 39.97 5.92 7.14
C LEU A 128 38.74 5.52 7.94
N PHE A 129 38.88 5.32 9.26
CA PHE A 129 37.72 5.01 10.09
C PHE A 129 36.73 6.17 10.13
N LYS A 130 37.24 7.40 10.27
CA LYS A 130 36.36 8.56 10.28
C LYS A 130 35.68 8.75 8.92
N LEU A 131 36.44 8.60 7.84
CA LEU A 131 35.85 8.72 6.50
C LEU A 131 34.81 7.64 6.26
N GLY A 132 35.09 6.42 6.71
CA GLY A 132 34.11 5.35 6.60
C GLY A 132 32.87 5.61 7.42
N GLY A 133 33.03 6.22 8.60
CA GLY A 133 31.87 6.57 9.40
C GLY A 133 30.98 7.58 8.72
N VAL A 134 31.57 8.62 8.14
CA VAL A 134 30.80 9.64 7.44
C VAL A 134 30.10 9.06 6.21
N THR A 135 30.83 8.27 5.42
CA THR A 135 30.25 7.68 4.22
C THR A 135 29.17 6.66 4.58
N ALA A 136 29.35 5.92 5.67
CA ALA A 136 28.33 4.99 6.13
C ALA A 136 27.09 5.73 6.58
N SER A 137 27.26 6.88 7.24
CA SER A 137 26.10 7.68 7.63
C SER A 137 25.32 8.14 6.40
N PHE A 138 26.01 8.65 5.39
CA PHE A 138 25.31 9.11 4.19
C PHE A 138 24.63 7.96 3.44
N THR A 139 25.34 6.85 3.27
CA THR A 139 24.76 5.70 2.58
C THR A 139 23.61 5.10 3.34
N ALA A 140 23.67 5.09 4.67
CA ALA A 140 22.56 4.60 5.47
C ALA A 140 21.35 5.51 5.36
N LYS A 141 21.57 6.83 5.29
CA LYS A 141 20.46 7.75 5.05
C LYS A 141 19.80 7.47 3.71
N VAL A 142 20.61 7.27 2.67
CA VAL A 142 20.08 7.00 1.34
C VAL A 142 19.30 5.68 1.32
N GLY A 143 19.86 4.64 1.93
CA GLY A 143 19.18 3.36 1.95
C GLY A 143 17.91 3.37 2.79
N SER A 144 17.90 4.13 3.89
CA SER A 144 16.69 4.27 4.68
C SER A 144 15.61 4.97 3.88
N LEU A 145 15.98 6.01 3.12
CA LEU A 145 15.03 6.64 2.22
C LEU A 145 14.53 5.67 1.15
N PHE A 146 15.40 4.76 0.71
CA PHE A 146 15.01 3.77 -0.29
C PHE A 146 13.95 2.81 0.25
N LEU A 147 14.21 2.26 1.44
CA LEU A 147 13.24 1.36 2.05
C LEU A 147 11.95 2.09 2.39
N ALA A 148 12.06 3.35 2.80
CA ALA A 148 10.87 4.15 3.07
C ALA A 148 10.05 4.39 1.81
N ALA A 149 10.71 4.64 0.68
CA ALA A 149 9.99 4.83 -0.58
C ALA A 149 9.30 3.54 -1.01
N ILE A 150 9.96 2.40 -0.84
CA ILE A 150 9.34 1.12 -1.18
C ILE A 150 8.11 0.88 -0.30
N ASP A 151 8.24 1.16 1.00
CA ASP A 151 7.12 1.00 1.92
C ASP A 151 5.98 1.95 1.57
N ARG A 152 6.30 3.18 1.17
CA ARG A 152 5.27 4.13 0.78
C ARG A 152 4.52 3.66 -0.44
N TYR A 153 5.23 3.14 -1.44
CA TYR A 153 4.55 2.63 -2.64
C TYR A 153 3.63 1.47 -2.28
N ILE A 154 4.11 0.55 -1.45
CA ILE A 154 3.28 -0.60 -1.05
C ILE A 154 2.05 -0.12 -0.28
N SER A 155 2.23 0.82 0.64
CA SER A 155 1.14 1.23 1.52
C SER A 155 0.12 2.10 0.78
N ILE A 156 0.53 2.85 -0.22
CA ILE A 156 -0.38 3.77 -0.89
C ILE A 156 -1.04 3.12 -2.10
N HIS A 157 -0.24 2.54 -3.01
CA HIS A 157 -0.80 2.09 -4.28
C HIS A 157 -1.17 0.61 -4.29
N ARG A 158 -0.86 -0.14 -3.23
CA ARG A 158 -1.33 -1.52 -3.07
C ARG A 158 -1.85 -1.71 -1.65
N PRO A 159 -2.96 -1.06 -1.30
CA PRO A 159 -3.42 -1.12 0.10
C PRO A 159 -3.91 -2.48 0.54
N LEU A 160 -4.35 -3.33 -0.38
CA LEU A 160 -4.82 -4.66 -0.02
C LEU A 160 -3.69 -5.62 0.33
N ALA A 161 -2.44 -5.22 0.09
CA ALA A 161 -1.29 -6.08 0.35
C ALA A 161 -0.32 -5.51 1.39
N TYR A 162 -0.50 -4.27 1.81
CA TYR A 162 0.44 -3.64 2.74
C TYR A 162 0.43 -4.33 4.09
N LYS A 163 -0.74 -4.79 4.52
CA LYS A 163 -0.84 -5.41 5.85
C LYS A 163 -0.09 -6.73 5.92
N ARG A 164 -0.01 -7.47 4.80
CA ARG A 164 0.46 -8.84 4.85
C ARG A 164 1.81 -9.07 4.18
N ILE A 165 2.23 -8.20 3.26
CA ILE A 165 3.59 -8.31 2.71
C ILE A 165 4.62 -7.84 3.72
N VAL A 166 4.58 -6.57 4.09
CA VAL A 166 5.58 -6.00 4.99
C VAL A 166 5.10 -6.13 6.44
N THR A 167 5.93 -6.77 7.26
CA THR A 167 5.64 -7.01 8.67
C THR A 167 6.92 -6.74 9.45
N ARG A 168 6.96 -7.18 10.71
CA ARG A 168 8.17 -7.05 11.51
C ARG A 168 9.40 -7.74 10.92
N PRO A 169 9.38 -9.05 10.62
CA PRO A 169 10.64 -9.68 10.22
C PRO A 169 11.17 -9.20 8.88
N LYS A 170 10.29 -9.01 7.89
CA LYS A 170 10.73 -8.54 6.58
C LYS A 170 11.34 -7.14 6.68
N ALA A 171 10.70 -6.25 7.42
CA ALA A 171 11.20 -4.89 7.54
C ALA A 171 12.53 -4.85 8.30
N VAL A 172 12.61 -5.57 9.41
CA VAL A 172 13.85 -5.53 10.19
C VAL A 172 14.99 -6.19 9.42
N VAL A 173 14.71 -7.25 8.66
CA VAL A 173 15.75 -7.88 7.84
C VAL A 173 16.19 -6.93 6.74
N ALA A 174 15.25 -6.24 6.09
CA ALA A 174 15.60 -5.31 5.03
C ALA A 174 16.47 -4.18 5.55
N PHE A 175 16.12 -3.61 6.70
CA PHE A 175 16.93 -2.55 7.27
C PHE A 175 18.29 -3.07 7.72
N CYS A 176 18.35 -4.31 8.21
CA CYS A 176 19.63 -4.90 8.59
C CYS A 176 20.55 -5.06 7.39
N LEU A 177 20.03 -5.59 6.27
CA LEU A 177 20.86 -5.73 5.08
C LEU A 177 21.26 -4.38 4.52
N MET A 178 20.37 -3.38 4.60
CA MET A 178 20.72 -2.03 4.14
C MET A 178 21.89 -1.47 4.97
N TRP A 179 21.80 -1.60 6.29
CA TRP A 179 22.86 -1.07 7.14
C TRP A 179 24.16 -1.83 6.93
N THR A 180 24.09 -3.16 6.76
CA THR A 180 25.32 -3.92 6.57
C THR A 180 25.96 -3.63 5.22
N ILE A 181 25.17 -3.43 4.16
CA ILE A 181 25.78 -3.12 2.88
C ILE A 181 26.39 -1.71 2.91
N ALA A 182 25.73 -0.77 3.59
CA ALA A 182 26.34 0.56 3.75
C ALA A 182 27.65 0.45 4.53
N ILE A 183 27.66 -0.38 5.58
CA ILE A 183 28.86 -0.57 6.39
C ILE A 183 29.99 -1.15 5.55
N VAL A 184 29.69 -2.17 4.73
CA VAL A 184 30.77 -2.81 4.00
C VAL A 184 31.32 -1.90 2.89
N ILE A 185 30.47 -1.13 2.20
CA ILE A 185 31.02 -0.16 1.24
C ILE A 185 31.81 0.92 1.97
N ALA A 186 31.46 1.23 3.22
CA ALA A 186 32.28 2.15 3.99
C ALA A 186 33.63 1.54 4.34
N VAL A 187 33.66 0.24 4.63
CA VAL A 187 34.85 -0.42 5.16
C VAL A 187 35.80 -0.89 4.06
N LEU A 188 35.33 -0.98 2.81
CA LEU A 188 36.17 -1.44 1.70
C LEU A 188 37.55 -0.77 1.58
N PRO A 189 37.73 0.55 1.76
CA PRO A 189 39.10 1.09 1.73
C PRO A 189 40.01 0.56 2.83
N LEU A 190 39.45 0.12 3.96
CA LEU A 190 40.29 -0.44 5.02
C LEU A 190 40.82 -1.82 4.64
N LEU A 191 40.10 -2.55 3.78
CA LEU A 191 40.53 -3.89 3.41
C LEU A 191 41.68 -3.89 2.41
N GLY A 192 42.08 -2.74 1.89
CA GLY A 192 43.18 -2.68 0.96
C GLY A 192 42.89 -1.89 -0.30
N TRP A 193 41.79 -1.13 -0.28
CA TRP A 193 41.42 -0.27 -1.40
C TRP A 193 41.81 1.18 -1.13
N ASN A 194 42.95 1.39 -0.49
CA ASN A 194 43.41 2.73 -0.16
C ASN A 194 44.41 3.23 -1.20
N CYS A 195 44.81 4.49 -1.04
CA CYS A 195 45.77 5.11 -1.97
C CYS A 195 47.15 4.49 -1.82
N GLU A 196 47.53 4.07 -0.61
CA GLU A 196 48.89 3.58 -0.37
C GLU A 196 49.12 2.24 -1.04
N LYS A 197 48.20 1.30 -0.90
CA LYS A 197 48.42 -0.06 -1.39
C LYS A 197 48.38 -0.12 -2.91
N LEU A 198 47.42 0.60 -3.53
CA LEU A 198 47.28 0.53 -4.98
C LEU A 198 48.42 1.24 -5.70
N GLN A 199 48.96 2.30 -5.11
CA GLN A 199 50.03 3.11 -5.71
C GLN A 199 49.62 3.65 -7.08
N SER A 200 48.34 4.00 -7.21
CA SER A 200 47.78 4.54 -8.42
C SER A 200 47.62 6.05 -8.29
N VAL A 201 46.90 6.67 -9.24
CA VAL A 201 46.55 8.08 -9.10
C VAL A 201 45.72 8.28 -7.84
N CYS A 202 46.03 9.33 -7.11
CA CYS A 202 45.55 9.48 -5.74
C CYS A 202 44.76 10.78 -5.62
N SER A 203 43.67 10.73 -4.86
CA SER A 203 42.77 11.87 -4.74
C SER A 203 43.43 13.01 -3.98
N ASP A 204 42.99 14.24 -4.30
CA ASP A 204 43.55 15.45 -3.71
C ASP A 204 42.74 15.99 -2.55
N ILE A 205 41.40 15.92 -2.63
CA ILE A 205 40.57 16.50 -1.58
C ILE A 205 40.65 15.69 -0.30
N PHE A 206 40.86 14.38 -0.41
CA PHE A 206 41.12 13.52 0.73
C PHE A 206 42.32 12.64 0.46
N PRO A 207 43.33 12.64 1.33
CA PRO A 207 44.46 11.73 1.16
C PRO A 207 44.08 10.32 1.56
N HIS A 208 45.03 9.40 1.35
CA HIS A 208 44.95 7.99 1.72
C HIS A 208 43.84 7.23 1.01
N ILE A 209 43.17 7.83 0.03
CA ILE A 209 42.16 7.15 -0.77
C ILE A 209 42.43 7.44 -2.25
N ASP A 210 41.91 6.58 -3.11
CA ASP A 210 42.13 6.68 -4.54
C ASP A 210 40.89 7.25 -5.24
N LYS A 211 41.04 7.51 -6.53
CA LYS A 211 39.94 8.07 -7.31
C LYS A 211 38.90 7.02 -7.67
N THR A 212 39.31 5.76 -7.82
CA THR A 212 38.37 4.72 -8.27
C THR A 212 37.30 4.43 -7.22
N TYR A 213 37.73 4.27 -5.96
CA TYR A 213 36.76 4.02 -4.88
C TYR A 213 35.83 5.22 -4.71
N LEU A 214 36.38 6.43 -4.79
CA LEU A 214 35.56 7.63 -4.68
C LEU A 214 34.53 7.70 -5.80
N MET A 215 34.96 7.36 -7.03
CA MET A 215 34.05 7.37 -8.17
C MET A 215 32.96 6.33 -8.00
N PHE A 216 33.32 5.13 -7.52
CA PHE A 216 32.33 4.08 -7.31
C PHE A 216 31.29 4.49 -6.28
N TRP A 217 31.75 5.03 -5.14
CA TRP A 217 30.84 5.45 -4.09
C TRP A 217 29.93 6.59 -4.54
N ILE A 218 30.50 7.60 -5.21
CA ILE A 218 29.68 8.71 -5.66
C ILE A 218 28.71 8.27 -6.75
N GLY A 219 29.11 7.32 -7.61
CA GLY A 219 28.20 6.84 -8.63
C GLY A 219 27.02 6.08 -8.06
N VAL A 220 27.28 5.18 -7.10
CA VAL A 220 26.17 4.40 -6.53
C VAL A 220 25.24 5.31 -5.73
N VAL A 221 25.81 6.27 -4.99
CA VAL A 221 24.98 7.20 -4.24
C VAL A 221 24.14 8.07 -5.19
N SER A 222 24.74 8.55 -6.28
CA SER A 222 24.02 9.42 -7.21
C SER A 222 22.90 8.67 -7.91
N VAL A 223 23.16 7.44 -8.37
CA VAL A 223 22.11 6.70 -9.08
C VAL A 223 21.00 6.31 -8.11
N LEU A 224 21.36 5.99 -6.86
CA LEU A 224 20.32 5.71 -5.87
C LEU A 224 19.45 6.94 -5.62
N LEU A 225 20.07 8.12 -5.45
CA LEU A 225 19.32 9.34 -5.19
C LEU A 225 18.42 9.71 -6.37
N LEU A 226 18.91 9.52 -7.59
CA LEU A 226 18.08 9.78 -8.77
C LEU A 226 16.88 8.84 -8.80
N PHE A 227 17.09 7.56 -8.47
CA PHE A 227 15.97 6.62 -8.41
C PHE A 227 14.96 7.03 -7.33
N ILE A 228 15.45 7.52 -6.19
CA ILE A 228 14.56 7.97 -5.13
C ILE A 228 13.72 9.17 -5.58
N VAL A 229 14.35 10.12 -6.26
CA VAL A 229 13.62 11.30 -6.73
C VAL A 229 12.53 10.88 -7.71
N TYR A 230 12.88 10.01 -8.66
CA TYR A 230 11.89 9.55 -9.64
C TYR A 230 10.75 8.77 -8.97
N ALA A 231 11.10 7.90 -8.02
CA ALA A 231 10.09 7.07 -7.37
C ALA A 231 9.13 7.92 -6.53
N TYR A 232 9.66 8.90 -5.79
CA TYR A 232 8.78 9.74 -4.98
C TYR A 232 7.91 10.63 -5.85
N MET A 233 8.46 11.14 -6.95
CA MET A 233 7.64 11.94 -7.86
C MET A 233 6.51 11.10 -8.46
N TYR A 234 6.82 9.86 -8.87
CA TYR A 234 5.78 8.99 -9.41
C TYR A 234 4.73 8.64 -8.37
N ILE A 235 5.16 8.37 -7.13
CA ILE A 235 4.22 8.02 -6.07
C ILE A 235 3.29 9.19 -5.76
N LEU A 236 3.84 10.40 -5.66
CA LEU A 236 3.00 11.55 -5.35
C LEU A 236 2.14 11.96 -6.54
N TRP A 237 2.56 11.65 -7.76
CA TRP A 237 1.74 12.00 -8.92
C TRP A 237 0.57 11.03 -9.08
N LYS A 238 0.84 9.73 -9.05
CA LYS A 238 -0.21 8.74 -9.28
C LYS A 238 -1.26 8.76 -8.18
N ALA A 239 -0.82 8.93 -6.93
CA ALA A 239 -1.76 8.93 -5.81
C ALA A 239 -2.59 10.21 -5.77
N GLY A 240 -2.13 11.26 -6.46
CA GLY A 240 -2.89 12.49 -6.48
C GLY A 240 -4.20 12.37 -7.23
N ILE A 241 -4.19 11.63 -8.34
CA ILE A 241 -5.40 11.52 -9.16
C ILE A 241 -6.21 10.30 -8.78
N ASP A 242 -5.54 9.25 -8.30
CA ASP A 242 -6.25 7.99 -8.01
C ASP A 242 -7.08 8.10 -6.74
N CYS A 243 -6.53 8.73 -5.70
CA CYS A 243 -7.24 8.82 -4.42
C CYS A 243 -8.43 9.77 -4.52
N SER A 244 -8.24 10.93 -5.12
CA SER A 244 -9.31 11.92 -5.26
C SER A 244 -9.98 11.79 -6.64
N PHE A 245 -10.55 10.62 -6.87
CA PHE A 245 -11.24 10.34 -8.13
C PHE A 245 -12.72 10.11 -7.98
N TRP A 246 -13.17 9.56 -6.85
CA TRP A 246 -14.58 9.22 -6.65
C TRP A 246 -15.34 10.31 -5.92
N ASN A 247 -14.97 11.57 -6.13
CA ASN A 247 -15.65 12.70 -5.53
C ASN A 247 -16.69 13.26 -6.49
N GLU A 248 -17.70 13.92 -5.93
CA GLU A 248 -18.78 14.50 -6.72
C GLU A 248 -18.37 15.77 -7.45
N SER A 249 -17.18 16.31 -7.17
CA SER A 249 -16.72 17.53 -7.82
C SER A 249 -16.45 17.34 -9.30
N TYR A 250 -16.34 16.11 -9.79
CA TYR A 250 -16.07 15.84 -11.19
C TYR A 250 -17.33 15.72 -12.03
N LEU A 251 -18.51 15.94 -11.44
CA LEU A 251 -19.77 15.85 -12.14
C LEU A 251 -20.40 17.23 -12.25
N THR A 252 -20.94 17.52 -13.43
CA THR A 252 -21.54 18.82 -13.71
C THR A 252 -23.06 18.72 -13.66
N GLY A 253 -23.69 19.65 -12.95
CA GLY A 253 -25.13 19.69 -12.84
C GLY A 253 -25.64 19.00 -11.57
N SER A 254 -26.93 19.16 -11.34
CA SER A 254 -27.57 18.59 -10.17
C SER A 254 -27.86 17.10 -10.39
N ARG A 255 -28.29 16.44 -9.31
CA ARG A 255 -28.55 15.01 -9.38
C ARG A 255 -29.79 14.70 -10.22
N ASP A 256 -30.83 15.52 -10.08
CA ASP A 256 -32.09 15.25 -10.77
C ASP A 256 -31.93 15.33 -12.28
N GLU A 257 -31.29 16.39 -12.77
CA GLU A 257 -31.13 16.53 -14.22
C GLU A 257 -30.13 15.53 -14.77
N ARG A 258 -29.14 15.14 -13.97
CA ARG A 258 -28.24 14.07 -14.39
C ARG A 258 -28.97 12.75 -14.54
N LYS A 259 -29.85 12.43 -13.58
CA LYS A 259 -30.65 11.21 -13.69
C LYS A 259 -31.59 11.28 -14.88
N LYS A 260 -32.19 12.46 -15.12
CA LYS A 260 -33.08 12.62 -16.27
C LYS A 260 -32.34 12.41 -17.59
N SER A 261 -31.14 12.98 -17.72
CA SER A 261 -30.35 12.81 -18.92
C SER A 261 -29.92 11.36 -19.10
N LEU A 262 -29.53 10.69 -18.01
CA LEU A 262 -29.13 9.29 -18.10
C LEU A 262 -30.31 8.40 -18.51
N LEU A 263 -31.49 8.66 -17.95
CA LEU A 263 -32.65 7.85 -18.28
C LEU A 263 -33.12 8.12 -19.71
N SER A 264 -33.03 9.37 -20.16
CA SER A 264 -33.36 9.67 -21.55
C SER A 264 -32.34 9.06 -22.51
N LYS A 265 -31.10 8.89 -22.06
CA LYS A 265 -30.12 8.17 -22.86
C LYS A 265 -30.50 6.70 -23.04
N PHE A 266 -31.15 6.11 -22.03
CA PHE A 266 -31.62 4.73 -22.11
C PHE A 266 -33.05 4.62 -22.60
N GLY A 267 -33.69 5.74 -22.94
CA GLY A 267 -35.06 5.71 -23.41
C GLY A 267 -36.09 5.28 -22.39
N MET A 268 -35.97 5.77 -21.16
CA MET A 268 -36.88 5.41 -20.09
C MET A 268 -37.42 6.68 -19.44
N ASP A 269 -38.59 6.55 -18.80
CA ASP A 269 -39.19 7.65 -18.08
C ASP A 269 -38.52 7.83 -16.72
N GLU A 270 -38.72 9.02 -16.15
CA GLU A 270 -38.14 9.33 -14.85
C GLU A 270 -38.80 8.50 -13.75
N GLY A 271 -37.97 7.97 -12.85
CA GLY A 271 -38.48 7.18 -11.75
C GLY A 271 -37.36 6.84 -10.80
N VAL A 272 -37.70 6.02 -9.80
CA VAL A 272 -36.70 5.57 -8.83
C VAL A 272 -35.77 4.57 -9.50
N THR A 273 -34.48 4.87 -9.53
CA THR A 273 -33.50 4.10 -10.29
C THR A 273 -32.70 3.21 -9.35
N PHE A 274 -32.49 1.96 -9.79
CA PHE A 274 -31.68 1.00 -9.08
C PHE A 274 -30.57 0.52 -10.00
N MET A 275 -29.37 0.34 -9.44
CA MET A 275 -28.18 -0.02 -10.20
C MET A 275 -27.52 -1.23 -9.60
N PHE A 276 -27.10 -2.16 -10.47
CA PHE A 276 -26.25 -3.27 -10.08
C PHE A 276 -25.06 -3.31 -11.03
N ILE A 277 -23.86 -3.42 -10.47
CA ILE A 277 -22.64 -3.59 -11.25
C ILE A 277 -21.79 -4.64 -10.57
N GLY A 278 -21.33 -5.62 -11.34
CA GLY A 278 -20.54 -6.70 -10.79
C GLY A 278 -20.24 -7.82 -11.75
N ARG A 279 -20.37 -9.06 -11.30
CA ARG A 279 -19.96 -10.23 -12.06
C ARG A 279 -21.13 -11.18 -12.22
N PHE A 280 -21.29 -11.71 -13.43
CA PHE A 280 -22.37 -12.64 -13.74
C PHE A 280 -21.90 -14.05 -13.46
N ASP A 281 -22.10 -14.51 -12.23
CA ASP A 281 -21.80 -15.87 -11.86
C ASP A 281 -22.65 -16.29 -10.67
N ARG A 282 -22.69 -17.58 -10.41
CA ARG A 282 -23.41 -18.14 -9.28
C ARG A 282 -22.43 -18.49 -8.17
N GLY A 283 -22.63 -17.88 -7.00
CA GLY A 283 -21.80 -18.20 -5.85
C GLY A 283 -21.01 -17.02 -5.32
N GLN A 284 -20.41 -16.23 -6.22
CA GLN A 284 -19.65 -15.06 -5.77
C GLN A 284 -20.57 -13.86 -5.55
N LYS A 285 -21.22 -13.41 -6.61
CA LYS A 285 -22.16 -12.30 -6.55
C LYS A 285 -23.55 -12.83 -6.89
N GLY A 286 -24.51 -12.56 -6.00
CA GLY A 286 -25.86 -13.07 -6.18
C GLY A 286 -26.68 -12.29 -7.19
N VAL A 287 -26.24 -12.26 -8.44
CA VAL A 287 -27.03 -11.61 -9.48
C VAL A 287 -28.31 -12.39 -9.75
N ASP A 288 -28.27 -13.71 -9.58
CA ASP A 288 -29.49 -14.51 -9.72
C ASP A 288 -30.52 -14.15 -8.64
N VAL A 289 -30.05 -13.78 -7.45
CA VAL A 289 -30.95 -13.29 -6.41
C VAL A 289 -31.62 -12.00 -6.87
N LEU A 290 -30.85 -11.10 -7.49
CA LEU A 290 -31.42 -9.86 -8.02
C LEU A 290 -32.45 -10.14 -9.11
N LEU A 291 -32.15 -11.08 -10.01
CA LEU A 291 -33.09 -11.41 -11.08
C LEU A 291 -34.37 -12.03 -10.54
N LYS A 292 -34.24 -12.89 -9.52
CA LYS A 292 -35.43 -13.44 -8.88
C LYS A 292 -36.25 -12.34 -8.20
N ALA A 293 -35.56 -11.37 -7.59
CA ALA A 293 -36.28 -10.25 -6.97
C ALA A 293 -37.00 -9.42 -8.02
N ILE A 294 -36.38 -9.19 -9.17
CA ILE A 294 -37.04 -8.45 -10.25
C ILE A 294 -38.25 -9.22 -10.76
N GLU A 295 -38.12 -10.54 -10.88
CA GLU A 295 -39.26 -11.36 -11.29
C GLU A 295 -40.39 -11.29 -10.27
N ILE A 296 -40.06 -11.28 -8.98
CA ILE A 296 -41.08 -11.18 -7.94
C ILE A 296 -41.78 -9.82 -7.98
N LEU A 297 -41.01 -8.74 -8.11
CA LEU A 297 -41.60 -7.41 -8.23
C LEU A 297 -42.36 -7.21 -9.53
N SER A 298 -42.11 -8.03 -10.55
CA SER A 298 -42.83 -7.91 -11.81
C SER A 298 -44.32 -8.19 -11.65
N SER A 299 -44.71 -8.92 -10.60
CA SER A 299 -46.11 -9.24 -10.34
C SER A 299 -46.84 -8.15 -9.58
N LYS A 300 -46.17 -7.08 -9.18
CA LYS A 300 -46.77 -6.02 -8.39
C LYS A 300 -47.05 -4.79 -9.25
N LYS A 301 -47.88 -3.90 -8.70
CA LYS A 301 -48.30 -2.70 -9.43
C LYS A 301 -47.30 -1.56 -9.35
N GLU A 302 -46.31 -1.63 -8.47
CA GLU A 302 -45.31 -0.58 -8.33
C GLU A 302 -44.08 -0.81 -9.18
N PHE A 303 -44.06 -1.88 -9.97
CA PHE A 303 -42.88 -2.19 -10.80
C PHE A 303 -42.69 -1.16 -11.90
N GLN A 304 -43.78 -0.54 -12.39
CA GLN A 304 -43.66 0.43 -13.46
C GLN A 304 -42.99 1.72 -13.01
N GLU A 305 -43.03 2.03 -11.71
CA GLU A 305 -42.29 3.19 -11.22
C GLU A 305 -40.79 2.90 -11.14
N MET A 306 -40.42 1.64 -10.94
CA MET A 306 -39.03 1.26 -10.79
C MET A 306 -38.29 1.32 -12.11
N ARG A 307 -37.00 1.65 -12.05
CA ARG A 307 -36.10 1.50 -13.18
C ARG A 307 -34.91 0.67 -12.72
N PHE A 308 -34.44 -0.24 -13.58
CA PHE A 308 -33.36 -1.15 -13.22
C PHE A 308 -32.26 -1.08 -14.27
N ILE A 309 -31.02 -0.97 -13.81
CA ILE A 309 -29.84 -1.05 -14.66
C ILE A 309 -28.94 -2.16 -14.12
N ILE A 310 -28.55 -3.08 -14.99
CA ILE A 310 -27.71 -4.22 -14.62
C ILE A 310 -26.51 -4.26 -15.55
N ILE A 311 -25.31 -4.19 -14.97
CA ILE A 311 -24.07 -4.17 -15.73
C ILE A 311 -23.21 -5.33 -15.26
N GLY A 312 -22.71 -6.12 -16.20
CA GLY A 312 -21.84 -7.22 -15.85
C GLY A 312 -21.48 -8.04 -17.07
N LYS A 313 -20.69 -9.07 -16.82
CA LYS A 313 -20.25 -9.99 -17.86
C LYS A 313 -19.84 -11.30 -17.19
N GLY A 314 -20.21 -12.42 -17.80
CA GLY A 314 -19.96 -13.71 -17.18
C GLY A 314 -20.63 -14.88 -17.86
N ASP A 315 -21.35 -15.68 -17.09
CA ASP A 315 -21.96 -16.89 -17.61
C ASP A 315 -23.00 -16.54 -18.69
N PRO A 316 -23.00 -17.24 -19.82
CA PRO A 316 -24.00 -16.95 -20.87
C PRO A 316 -25.43 -17.19 -20.44
N GLU A 317 -25.67 -18.11 -19.50
CA GLU A 317 -27.03 -18.36 -19.02
C GLU A 317 -27.60 -17.15 -18.31
N LEU A 318 -26.82 -16.56 -17.38
CA LEU A 318 -27.29 -15.38 -16.67
C LEU A 318 -27.42 -14.19 -17.60
N GLU A 319 -26.50 -14.06 -18.57
CA GLU A 319 -26.61 -12.99 -19.55
C GLU A 319 -27.88 -13.12 -20.38
N GLY A 320 -28.20 -14.33 -20.81
CA GLY A 320 -29.43 -14.55 -21.56
C GLY A 320 -30.67 -14.30 -20.72
N TRP A 321 -30.62 -14.67 -19.44
CA TRP A 321 -31.73 -14.39 -18.53
C TRP A 321 -31.96 -12.89 -18.38
N ALA A 322 -30.86 -12.14 -18.20
CA ALA A 322 -30.96 -10.69 -18.10
C ALA A 322 -31.46 -10.07 -19.40
N ARG A 323 -31.03 -10.59 -20.54
CA ARG A 323 -31.52 -10.10 -21.82
C ARG A 323 -33.01 -10.40 -22.00
N SER A 324 -33.46 -11.56 -21.52
CA SER A 324 -34.88 -11.88 -21.59
C SER A 324 -35.72 -10.93 -20.74
N LEU A 325 -35.25 -10.61 -19.53
CA LEU A 325 -35.94 -9.61 -18.72
C LEU A 325 -35.88 -8.22 -19.35
N GLU A 326 -34.78 -7.90 -20.03
CA GLU A 326 -34.71 -6.62 -20.72
C GLU A 326 -35.72 -6.54 -21.87
N GLU A 327 -35.87 -7.63 -22.61
CA GLU A 327 -36.83 -7.65 -23.71
C GLU A 327 -38.26 -7.68 -23.21
N LYS A 328 -38.52 -8.32 -22.07
CA LYS A 328 -39.88 -8.42 -21.56
C LYS A 328 -40.38 -7.08 -21.04
N HIS A 329 -39.70 -6.53 -20.03
CA HIS A 329 -40.11 -5.28 -19.40
C HIS A 329 -39.36 -4.11 -20.01
N GLY A 330 -40.04 -2.99 -20.17
CA GLY A 330 -39.48 -1.80 -20.78
C GLY A 330 -38.73 -0.88 -19.85
N ASN A 331 -38.56 -1.26 -18.58
CA ASN A 331 -37.86 -0.43 -17.60
C ASN A 331 -36.60 -1.09 -17.08
N VAL A 332 -36.09 -2.11 -17.77
CA VAL A 332 -34.90 -2.84 -17.36
C VAL A 332 -33.87 -2.72 -18.48
N LYS A 333 -32.68 -2.24 -18.14
CA LYS A 333 -31.58 -2.09 -19.09
C LYS A 333 -30.42 -2.97 -18.64
N VAL A 334 -29.83 -3.70 -19.58
CA VAL A 334 -28.71 -4.58 -19.31
C VAL A 334 -27.56 -4.17 -20.21
N ILE A 335 -26.39 -3.94 -19.61
CA ILE A 335 -25.17 -3.57 -20.32
C ILE A 335 -24.14 -4.67 -20.09
N THR A 336 -23.56 -5.17 -21.17
CA THR A 336 -22.60 -6.27 -21.12
C THR A 336 -21.19 -5.86 -21.50
N GLU A 337 -21.04 -4.93 -22.44
CA GLU A 337 -19.71 -4.54 -22.91
C GLU A 337 -18.98 -3.73 -21.83
N MET A 338 -17.65 -3.72 -21.95
CA MET A 338 -16.79 -3.14 -20.92
C MET A 338 -16.97 -1.64 -20.84
N LEU A 339 -17.08 -1.12 -19.61
CA LEU A 339 -17.33 0.29 -19.37
C LEU A 339 -16.05 0.97 -18.86
N SER A 340 -15.94 2.27 -19.15
CA SER A 340 -14.83 3.06 -18.65
C SER A 340 -15.08 3.48 -17.21
N ARG A 341 -14.01 3.93 -16.55
CA ARG A 341 -14.11 4.37 -15.17
C ARG A 341 -14.99 5.60 -15.02
N GLU A 342 -14.83 6.57 -15.92
CA GLU A 342 -15.59 7.81 -15.82
C GLU A 342 -17.08 7.58 -16.00
N PHE A 343 -17.45 6.70 -16.94
CA PHE A 343 -18.86 6.41 -17.20
C PHE A 343 -19.53 5.85 -15.96
N VAL A 344 -18.88 4.88 -15.30
CA VAL A 344 -19.38 4.34 -14.04
C VAL A 344 -19.40 5.42 -12.97
N ARG A 345 -18.48 6.38 -13.02
CA ARG A 345 -18.55 7.46 -12.05
C ARG A 345 -19.86 8.21 -12.22
N GLU A 346 -20.21 8.50 -13.48
CA GLU A 346 -21.44 9.21 -13.76
C GLU A 346 -22.65 8.40 -13.30
N LEU A 347 -22.61 7.09 -13.52
CA LEU A 347 -23.74 6.24 -13.16
C LEU A 347 -24.01 6.27 -11.67
N TYR A 348 -22.97 6.21 -10.84
CA TYR A 348 -23.17 6.31 -9.40
C TYR A 348 -23.76 7.67 -9.09
N GLY A 349 -23.29 8.69 -9.80
CA GLY A 349 -23.79 10.03 -9.60
C GLY A 349 -25.24 10.23 -9.98
N SER A 350 -25.77 9.38 -10.85
CA SER A 350 -27.14 9.57 -11.31
C SER A 350 -28.20 8.68 -10.66
N VAL A 351 -27.86 7.44 -10.31
CA VAL A 351 -28.87 6.52 -9.80
C VAL A 351 -29.20 6.87 -8.35
N ASP A 352 -30.30 6.33 -7.85
CA ASP A 352 -30.76 6.58 -6.48
C ASP A 352 -30.29 5.52 -5.50
N PHE A 353 -30.27 4.26 -5.91
CA PHE A 353 -29.89 3.17 -5.04
C PHE A 353 -28.96 2.22 -5.77
N VAL A 354 -28.10 1.54 -5.02
CA VAL A 354 -27.19 0.53 -5.55
C VAL A 354 -27.43 -0.77 -4.80
N ILE A 355 -27.71 -1.83 -5.53
CA ILE A 355 -28.00 -3.14 -4.95
C ILE A 355 -26.74 -3.99 -5.04
N ILE A 356 -26.28 -4.50 -3.90
CA ILE A 356 -25.11 -5.37 -3.85
C ILE A 356 -25.49 -6.67 -3.15
N PRO A 357 -26.16 -7.59 -3.84
CA PRO A 357 -26.58 -8.86 -3.24
C PRO A 357 -25.47 -9.92 -3.22
N SER A 358 -24.30 -9.53 -2.70
CA SER A 358 -23.13 -10.39 -2.76
C SER A 358 -23.23 -11.52 -1.75
N TYR A 359 -22.91 -12.74 -2.19
CA TYR A 359 -22.81 -13.86 -1.27
C TYR A 359 -21.55 -13.77 -0.44
N PHE A 360 -20.43 -13.38 -1.06
CA PHE A 360 -19.14 -13.34 -0.39
C PHE A 360 -18.42 -12.09 -0.92
N GLU A 361 -18.43 -11.02 -0.12
CA GLU A 361 -17.79 -9.77 -0.50
C GLU A 361 -16.73 -9.43 0.55
N PRO A 362 -15.45 -9.67 0.26
CA PRO A 362 -14.42 -9.50 1.29
C PRO A 362 -14.14 -8.05 1.63
N PHE A 363 -14.02 -7.19 0.63
CA PHE A 363 -13.57 -5.82 0.83
C PHE A 363 -14.67 -4.79 0.74
N GLY A 364 -15.74 -5.04 0.00
CA GLY A 364 -16.81 -4.07 -0.13
C GLY A 364 -16.40 -2.80 -0.84
N LEU A 365 -15.59 -2.93 -1.89
CA LEU A 365 -15.13 -1.75 -2.61
C LEU A 365 -16.28 -1.06 -3.34
N VAL A 366 -17.23 -1.85 -3.87
CA VAL A 366 -18.34 -1.29 -4.62
C VAL A 366 -19.19 -0.38 -3.74
N ALA A 367 -19.42 -0.79 -2.49
CA ALA A 367 -20.15 0.06 -1.56
C ALA A 367 -19.40 1.36 -1.28
N LEU A 368 -18.08 1.30 -1.15
CA LEU A 368 -17.30 2.50 -0.89
C LEU A 368 -17.37 3.47 -2.07
N GLU A 369 -17.26 2.94 -3.30
CA GLU A 369 -17.36 3.79 -4.47
C GLU A 369 -18.76 4.36 -4.64
N ALA A 370 -19.79 3.59 -4.26
CA ALA A 370 -21.17 4.08 -4.37
C ALA A 370 -21.42 5.20 -3.36
N MET A 371 -21.05 4.98 -2.10
CA MET A 371 -21.27 5.99 -1.07
C MET A 371 -20.37 7.21 -1.22
N CYS A 372 -19.23 7.06 -1.89
CA CYS A 372 -18.40 8.24 -2.17
C CYS A 372 -19.11 9.20 -3.13
N LEU A 373 -20.02 8.69 -3.95
CA LEU A 373 -20.73 9.49 -4.94
C LEU A 373 -22.21 9.63 -4.61
N GLY A 374 -22.59 9.53 -3.34
CA GLY A 374 -23.95 9.77 -2.91
C GLY A 374 -25.00 8.81 -3.43
N ALA A 375 -24.73 7.51 -3.35
CA ALA A 375 -25.70 6.47 -3.71
C ALA A 375 -25.96 5.59 -2.50
N ILE A 376 -27.22 5.42 -2.15
CA ILE A 376 -27.60 4.60 -1.00
C ILE A 376 -27.40 3.12 -1.36
N PRO A 377 -26.61 2.38 -0.59
CA PRO A 377 -26.41 0.96 -0.89
C PRO A 377 -27.42 0.06 -0.20
N ILE A 378 -27.93 -0.91 -0.95
CA ILE A 378 -28.77 -1.98 -0.42
C ILE A 378 -27.99 -3.26 -0.62
N ALA A 379 -27.26 -3.67 0.41
CA ALA A 379 -26.30 -4.77 0.29
C ALA A 379 -26.61 -5.86 1.31
N SER A 380 -26.20 -7.09 0.95
CA SER A 380 -26.33 -8.21 1.86
C SER A 380 -25.39 -8.04 3.06
N ALA A 381 -25.89 -8.43 4.23
CA ALA A 381 -25.13 -8.28 5.48
C ALA A 381 -24.17 -9.46 5.61
N VAL A 382 -23.06 -9.38 4.88
CA VAL A 382 -22.03 -10.42 4.92
C VAL A 382 -20.70 -9.77 4.55
N GLY A 383 -19.63 -10.25 5.18
CA GLY A 383 -18.30 -9.75 4.91
C GLY A 383 -18.14 -8.29 5.32
N GLY A 384 -17.32 -7.57 4.55
CA GLY A 384 -17.13 -6.14 4.78
C GLY A 384 -18.40 -5.33 4.65
N LEU A 385 -19.33 -5.78 3.82
CA LEU A 385 -20.62 -5.12 3.72
C LEU A 385 -21.38 -5.13 5.05
N ARG A 386 -21.01 -6.03 5.96
CA ARG A 386 -21.59 -6.03 7.29
C ARG A 386 -21.15 -4.84 8.14
N ASP A 387 -19.92 -4.35 7.97
CA ASP A 387 -19.46 -3.25 8.82
C ASP A 387 -19.11 -1.98 8.08
N ILE A 388 -19.05 -1.98 6.75
CA ILE A 388 -18.95 -0.71 6.02
C ILE A 388 -20.27 0.04 6.10
N ILE A 389 -21.38 -0.66 5.92
CA ILE A 389 -22.70 -0.06 5.93
C ILE A 389 -23.33 -0.28 7.30
N THR A 390 -23.64 0.81 8.00
CA THR A 390 -24.37 0.73 9.26
C THR A 390 -25.87 0.71 8.99
N ASN A 391 -26.65 0.51 10.06
CA ASN A 391 -28.10 0.44 9.93
C ASN A 391 -28.74 1.77 9.52
N GLU A 392 -28.01 2.87 9.66
CA GLU A 392 -28.53 4.19 9.30
C GLU A 392 -28.15 4.62 7.90
N THR A 393 -26.95 4.26 7.43
CA THR A 393 -26.50 4.70 6.11
C THR A 393 -27.27 4.00 5.00
N GLY A 394 -27.42 2.67 5.11
CA GLY A 394 -28.09 1.93 4.06
C GLY A 394 -29.04 0.87 4.59
N ILE A 395 -29.42 -0.07 3.73
CA ILE A 395 -30.34 -1.15 4.07
C ILE A 395 -29.61 -2.48 3.91
N LEU A 396 -29.70 -3.33 4.92
CA LEU A 396 -28.98 -4.60 4.93
C LEU A 396 -29.99 -5.75 4.95
N VAL A 397 -29.70 -6.78 4.15
CA VAL A 397 -30.55 -7.96 4.04
C VAL A 397 -29.70 -9.20 4.33
N LYS A 398 -30.37 -10.32 4.52
CA LYS A 398 -29.68 -11.59 4.65
C LYS A 398 -29.24 -12.10 3.28
N ALA A 399 -28.25 -12.98 3.29
CA ALA A 399 -27.66 -13.46 2.05
C ALA A 399 -28.51 -14.55 1.41
N GLY A 400 -28.80 -14.41 0.13
CA GLY A 400 -29.43 -15.46 -0.64
C GLY A 400 -30.94 -15.57 -0.53
N ASP A 401 -31.61 -14.55 0.01
CA ASP A 401 -33.07 -14.59 0.10
C ASP A 401 -33.66 -13.55 -0.84
N PRO A 402 -34.25 -13.96 -1.96
CA PRO A 402 -34.89 -12.98 -2.86
C PRO A 402 -36.05 -12.24 -2.22
N GLY A 403 -36.76 -12.86 -1.27
CA GLY A 403 -37.87 -12.18 -0.63
C GLY A 403 -37.44 -11.00 0.22
N GLU A 404 -36.36 -11.17 0.99
CA GLU A 404 -35.85 -10.08 1.81
C GLU A 404 -35.35 -8.94 0.93
N LEU A 405 -34.70 -9.27 -0.19
CA LEU A 405 -34.29 -8.25 -1.14
C LEU A 405 -35.50 -7.54 -1.73
N ALA A 406 -36.58 -8.28 -1.99
CA ALA A 406 -37.81 -7.67 -2.51
C ALA A 406 -38.39 -6.67 -1.52
N ASN A 407 -38.48 -7.06 -0.24
CA ASN A 407 -38.99 -6.15 0.78
C ASN A 407 -38.06 -4.96 0.97
N ALA A 408 -36.75 -5.17 0.84
CA ALA A 408 -35.81 -4.06 0.94
C ALA A 408 -35.97 -3.07 -0.19
N ILE A 409 -36.18 -3.56 -1.42
CA ILE A 409 -36.37 -2.66 -2.55
C ILE A 409 -37.70 -1.91 -2.40
N LEU A 410 -38.73 -2.59 -1.90
CA LEU A 410 -40.00 -1.90 -1.63
C LEU A 410 -39.84 -0.83 -0.57
N LYS A 411 -39.08 -1.12 0.50
CA LYS A 411 -38.83 -0.13 1.54
C LYS A 411 -38.00 1.03 1.01
N ALA A 412 -37.07 0.75 0.09
CA ALA A 412 -36.29 1.83 -0.54
C ALA A 412 -37.18 2.73 -1.38
N LEU A 413 -38.12 2.14 -2.12
CA LEU A 413 -39.06 2.96 -2.89
C LEU A 413 -39.96 3.76 -1.96
N GLU A 414 -40.35 3.18 -0.82
CA GLU A 414 -41.14 3.92 0.16
C GLU A 414 -40.36 5.10 0.72
N LEU A 415 -39.08 4.89 1.03
CA LEU A 415 -38.22 5.96 1.53
C LEU A 415 -37.93 7.01 0.48
N SER A 416 -37.97 6.64 -0.80
CA SER A 416 -37.73 7.60 -1.88
C SER A 416 -38.83 8.65 -1.98
N ARG A 417 -39.99 8.42 -1.34
CA ARG A 417 -41.04 9.43 -1.33
C ARG A 417 -40.60 10.68 -0.57
N SER A 418 -39.88 10.50 0.52
CA SER A 418 -39.37 11.62 1.30
C SER A 418 -38.06 12.11 0.70
N ASP A 419 -37.38 13.02 1.40
CA ASP A 419 -36.10 13.53 0.92
C ASP A 419 -34.97 12.60 1.36
N LEU A 420 -34.07 12.31 0.43
CA LEU A 420 -32.94 11.42 0.69
C LEU A 420 -31.62 12.17 0.79
N SER A 421 -31.65 13.49 0.92
CA SER A 421 -30.41 14.26 1.00
C SER A 421 -29.62 13.95 2.27
N LYS A 422 -30.33 13.70 3.38
CA LYS A 422 -29.65 13.31 4.61
C LYS A 422 -28.92 11.98 4.44
N PHE A 423 -29.57 11.02 3.76
CA PHE A 423 -28.92 9.75 3.48
C PHE A 423 -27.69 9.93 2.60
N ARG A 424 -27.80 10.80 1.59
CA ARG A 424 -26.67 11.07 0.70
C ARG A 424 -25.50 11.65 1.47
N GLU A 425 -25.77 12.65 2.32
CA GLU A 425 -24.69 13.30 3.06
C GLU A 425 -24.07 12.36 4.08
N ASN A 426 -24.88 11.53 4.75
CA ASN A 426 -24.35 10.58 5.71
C ASN A 426 -23.50 9.51 5.02
N CYS A 427 -23.96 9.02 3.86
CA CYS A 427 -23.18 8.04 3.12
C CYS A 427 -21.86 8.63 2.63
N LYS A 428 -21.90 9.88 2.15
CA LYS A 428 -20.66 10.54 1.73
C LYS A 428 -19.70 10.71 2.91
N LYS A 429 -20.23 11.10 4.06
CA LYS A 429 -19.38 11.27 5.25
C LYS A 429 -18.74 9.96 5.67
N ARG A 430 -19.52 8.87 5.69
CA ARG A 430 -18.97 7.57 6.09
C ARG A 430 -17.93 7.08 5.09
N ALA A 431 -18.23 7.22 3.79
CA ALA A 431 -17.29 6.77 2.76
C ALA A 431 -15.98 7.55 2.82
N MET A 432 -16.07 8.86 3.07
CA MET A 432 -14.85 9.64 3.27
C MET A 432 -14.16 9.27 4.57
N SER A 433 -14.91 8.79 5.57
CA SER A 433 -14.30 8.37 6.83
C SER A 433 -13.45 7.11 6.66
N PHE A 434 -13.88 6.18 5.81
CA PHE A 434 -13.03 5.01 5.58
C PHE A 434 -11.75 5.35 4.80
N SER A 435 -11.69 6.52 4.18
CA SER A 435 -10.50 6.85 3.40
C SER A 435 -9.49 7.68 4.17
N ASP A 436 -9.55 7.67 5.51
CA ASP A 436 -8.66 8.53 6.29
C ASP A 436 -7.24 7.97 6.33
N GLN A 437 -7.09 6.65 6.19
CA GLN A 437 -5.76 6.04 6.22
C GLN A 437 -4.91 6.50 5.05
N ALA A 438 -5.52 6.61 3.86
CA ALA A 438 -4.78 6.99 2.67
C ALA A 438 -4.23 8.41 2.78
N ARG A 439 -5.00 9.32 3.39
CA ARG A 439 -4.52 10.69 3.54
C ARG A 439 -3.33 10.78 4.48
N MET A 440 -3.36 10.00 5.57
CA MET A 440 -2.21 9.97 6.47
C MET A 440 -0.99 9.35 5.79
N ASP A 441 -1.21 8.33 4.95
CA ASP A 441 -0.11 7.76 4.19
C ASP A 441 0.48 8.78 3.22
N ILE A 442 -0.38 9.58 2.58
CA ILE A 442 0.10 10.63 1.68
C ILE A 442 0.87 11.69 2.45
N GLU A 443 0.42 12.02 3.66
CA GLU A 443 1.15 12.98 4.48
C GLU A 443 2.52 12.45 4.88
N LEU A 444 2.60 11.16 5.21
CA LEU A 444 3.91 10.55 5.50
C LEU A 444 4.82 10.56 4.28
N ALA A 445 4.24 10.31 3.09
CA ALA A 445 5.03 10.38 1.87
C ALA A 445 5.53 11.80 1.62
N LYS A 446 4.70 12.81 1.92
CA LYS A 446 5.13 14.19 1.77
C LYS A 446 6.25 14.54 2.74
N THR A 447 6.17 14.03 3.97
CA THR A 447 7.25 14.23 4.94
C THR A 447 8.55 13.59 4.43
N LEU A 448 8.44 12.39 3.85
CA LEU A 448 9.61 11.73 3.28
C LEU A 448 10.18 12.52 2.12
N VAL A 449 9.32 13.11 1.29
CA VAL A 449 9.78 13.96 0.19
C VAL A 449 10.52 15.18 0.72
N LEU A 450 10.02 15.76 1.81
CA LEU A 450 10.69 16.88 2.45
C LEU A 450 12.07 16.48 2.97
N ILE A 451 12.17 15.29 3.59
CA ILE A 451 13.45 14.80 4.07
C ILE A 451 14.42 14.60 2.91
N LEU A 452 13.93 14.02 1.82
CA LEU A 452 14.78 13.78 0.66
C LEU A 452 15.28 15.08 0.04
N VAL A 453 14.39 16.07 -0.08
CA VAL A 453 14.81 17.32 -0.72
C VAL A 453 15.75 18.11 0.17
N VAL A 454 15.57 18.05 1.50
CA VAL A 454 16.53 18.75 2.35
C VAL A 454 17.88 18.01 2.35
N LEU A 455 17.87 16.68 2.23
CA LEU A 455 19.12 15.94 2.06
C LEU A 455 19.82 16.36 0.77
N ILE A 456 19.07 16.47 -0.32
CA ILE A 456 19.64 16.86 -1.61
C ILE A 456 20.22 18.27 -1.53
N ILE A 457 19.48 19.19 -0.91
CA ILE A 457 19.94 20.57 -0.79
C ILE A 457 21.22 20.64 0.04
N CYS A 458 21.28 19.88 1.14
CA CYS A 458 22.43 19.97 2.02
C CYS A 458 23.66 19.29 1.43
N TRP A 459 23.48 18.23 0.65
CA TRP A 459 24.61 17.48 0.13
C TRP A 459 24.89 17.74 -1.36
N GLY A 460 24.19 18.70 -1.96
CA GLY A 460 24.43 19.04 -3.35
C GLY A 460 25.83 19.55 -3.67
N PRO A 461 26.19 20.73 -3.14
CA PRO A 461 27.50 21.30 -3.46
C PRO A 461 28.69 20.42 -3.08
N LEU A 462 28.59 19.69 -1.97
CA LEU A 462 29.68 18.80 -1.58
C LEU A 462 29.86 17.67 -2.59
N LEU A 463 28.75 17.06 -3.02
CA LEU A 463 28.83 15.99 -4.00
C LEU A 463 29.33 16.51 -5.34
N ALA A 464 28.92 17.73 -5.72
CA ALA A 464 29.43 18.34 -6.95
C ALA A 464 30.94 18.61 -6.86
N ILE A 465 31.41 19.04 -5.69
CA ILE A 465 32.84 19.28 -5.52
C ILE A 465 33.61 17.97 -5.57
N MET A 466 33.05 16.89 -5.01
CA MET A 466 33.68 15.58 -5.15
C MET A 466 33.73 15.14 -6.61
N VAL A 467 32.68 15.44 -7.38
CA VAL A 467 32.69 15.18 -8.82
C VAL A 467 33.82 15.95 -9.50
N TYR A 468 33.96 17.24 -9.15
CA TYR A 468 35.02 18.05 -9.72
C TYR A 468 36.40 17.53 -9.33
N ASP A 469 36.52 16.95 -8.14
CA ASP A 469 37.79 16.37 -7.71
C ASP A 469 38.13 15.12 -8.51
N VAL A 470 37.15 14.22 -8.67
CA VAL A 470 37.44 12.98 -9.39
C VAL A 470 37.57 13.25 -10.89
N PHE A 471 36.87 14.25 -11.40
CA PHE A 471 36.88 14.59 -12.83
C PHE A 471 37.41 16.00 -13.00
N GLY A 472 38.69 16.13 -13.36
CA GLY A 472 39.27 17.39 -13.71
C GLY A 472 40.30 17.87 -12.70
N LYS A 473 40.56 19.17 -12.74
CA LYS A 473 41.56 19.79 -11.89
C LYS A 473 40.98 20.05 -10.50
N MET A 474 41.83 20.59 -9.62
CA MET A 474 41.43 20.76 -8.21
C MET A 474 42.25 21.93 -7.66
N ASN A 475 41.62 23.11 -7.62
CA ASN A 475 42.32 24.33 -7.24
C ASN A 475 42.02 24.70 -5.78
N LYS A 476 42.58 25.82 -5.33
CA LYS A 476 42.42 26.25 -3.93
C LYS A 476 41.05 26.86 -3.66
N LEU A 477 40.46 27.56 -4.63
CA LEU A 477 39.17 28.18 -4.41
C LEU A 477 38.09 27.13 -4.20
N ILE A 478 38.13 26.04 -4.98
CA ILE A 478 37.18 24.96 -4.78
C ILE A 478 37.42 24.28 -3.43
N LYS A 479 38.68 24.22 -2.98
CA LYS A 479 38.95 23.72 -1.64
C LYS A 479 38.30 24.59 -0.57
N THR A 480 38.38 25.91 -0.72
CA THR A 480 37.73 26.80 0.23
C THR A 480 36.21 26.64 0.21
N VAL A 481 35.64 26.50 -0.99
CA VAL A 481 34.20 26.28 -1.10
C VAL A 481 33.80 24.97 -0.42
N PHE A 482 34.61 23.92 -0.61
CA PHE A 482 34.35 22.63 0.03
C PHE A 482 34.40 22.74 1.54
N ALA A 483 35.40 23.47 2.06
CA ALA A 483 35.50 23.67 3.51
C ALA A 483 34.30 24.45 4.03
N PHE A 484 33.84 25.44 3.27
CA PHE A 484 32.68 26.22 3.70
C PHE A 484 31.41 25.38 3.71
N CYS A 485 31.18 24.58 2.67
CA CYS A 485 29.93 23.82 2.58
C CYS A 485 29.98 22.49 3.30
N SER A 486 31.13 22.12 3.87
CA SER A 486 31.21 20.86 4.61
C SER A 486 30.43 20.90 5.92
N MET A 487 30.10 22.10 6.43
CA MET A 487 29.26 22.20 7.62
C MET A 487 27.80 21.90 7.32
N LEU A 488 27.42 21.83 6.04
CA LEU A 488 26.04 21.53 5.68
C LEU A 488 25.64 20.11 6.08
N CYS A 489 26.59 19.18 6.19
CA CYS A 489 26.26 17.84 6.67
C CYS A 489 25.79 17.88 8.13
N LEU A 490 26.52 18.61 8.98
CA LEU A 490 26.12 18.74 10.37
C LEU A 490 24.83 19.56 10.49
N LEU A 491 24.65 20.56 9.64
CA LEU A 491 23.39 21.30 9.63
C LEU A 491 22.23 20.41 9.21
N ASN A 492 22.49 19.48 8.28
CA ASN A 492 21.47 18.53 7.84
C ASN A 492 21.10 17.59 8.96
N SER A 493 22.10 17.08 9.69
CA SER A 493 21.81 16.25 10.85
C SER A 493 21.09 17.04 11.94
N THR A 494 21.33 18.35 12.00
CA THR A 494 20.59 19.21 12.93
C THR A 494 19.12 19.29 12.54
N VAL A 495 18.85 19.51 11.25
CA VAL A 495 17.48 19.80 10.82
C VAL A 495 16.65 18.57 10.54
N ASN A 496 17.25 17.38 10.46
CA ASN A 496 16.44 16.17 10.27
C ASN A 496 15.45 15.90 11.41
N PRO A 497 15.82 15.93 12.70
CA PRO A 497 14.81 15.67 13.74
C PRO A 497 13.95 16.88 14.06
N ILE A 498 14.27 18.06 13.53
CA ILE A 498 13.41 19.23 13.75
C ILE A 498 12.08 19.04 13.04
N ILE A 499 12.11 18.55 11.79
CA ILE A 499 10.87 18.42 11.02
C ILE A 499 10.05 17.21 11.43
N TYR A 500 10.62 16.27 12.17
CA TYR A 500 9.81 15.17 12.72
C TYR A 500 8.75 15.71 13.68
N ALA A 501 9.13 16.67 14.53
CA ALA A 501 8.16 17.30 15.42
C ALA A 501 7.13 18.11 14.64
N LEU A 502 7.56 18.76 13.55
CA LEU A 502 6.63 19.56 12.77
C LEU A 502 5.64 18.72 11.97
N ARG A 503 6.02 17.49 11.61
CA ARG A 503 5.18 16.66 10.77
C ARG A 503 4.55 15.49 11.51
N SER A 504 5.34 14.69 12.22
CA SER A 504 4.84 13.48 12.86
C SER A 504 4.08 13.84 14.14
N LYS A 505 2.75 13.73 14.11
CA LYS A 505 1.95 13.97 15.30
C LYS A 505 2.18 12.89 16.35
N ASP A 506 2.35 11.63 15.90
CA ASP A 506 2.51 10.52 16.84
C ASP A 506 3.81 10.64 17.61
N LEU A 507 4.86 11.14 16.97
CA LEU A 507 6.12 11.37 17.68
C LEU A 507 5.95 12.43 18.77
N ARG A 508 5.20 13.49 18.46
CA ARG A 508 4.91 14.50 19.46
C ARG A 508 4.10 13.92 20.62
N HIS A 509 3.12 13.06 20.31
CA HIS A 509 2.33 12.43 21.36
C HIS A 509 3.20 11.55 22.25
N ALA A 510 4.11 10.79 21.64
CA ALA A 510 5.02 9.95 22.42
C ALA A 510 5.96 10.78 23.28
N PHE A 511 6.46 11.89 22.74
CA PHE A 511 7.34 12.77 23.51
C PHE A 511 6.61 13.39 24.68
N ARG A 512 5.36 13.81 24.47
CA ARG A 512 4.57 14.36 25.56
C ARG A 512 4.25 13.30 26.61
N SER A 513 4.00 12.07 26.17
CA SER A 513 3.78 10.98 27.12
C SER A 513 5.04 10.64 27.90
N MET A 514 6.22 10.88 27.30
CA MET A 514 7.46 10.66 28.03
C MET A 514 7.58 11.63 29.20
N PHE A 515 7.20 12.88 29.00
CA PHE A 515 7.27 13.88 30.06
C PHE A 515 6.00 13.87 30.91
N VAL B 2 0.44 -15.40 -13.03
CA VAL B 2 0.67 -16.18 -11.83
C VAL B 2 0.54 -17.66 -12.14
N GLN B 3 1.19 -18.50 -11.33
CA GLN B 3 1.13 -19.94 -11.50
C GLN B 3 0.45 -20.56 -10.29
N LEU B 4 -0.46 -21.51 -10.53
CA LEU B 4 -1.23 -22.15 -9.48
C LEU B 4 -0.99 -23.65 -9.54
N GLN B 5 -0.74 -24.26 -8.38
CA GLN B 5 -0.49 -25.69 -8.28
C GLN B 5 -1.31 -26.30 -7.15
N GLU B 6 -1.92 -27.45 -7.43
CA GLU B 6 -2.68 -28.17 -6.42
C GLU B 6 -1.89 -29.38 -5.90
N SER B 7 -2.23 -29.80 -4.68
CA SER B 7 -1.70 -31.03 -4.13
C SER B 7 -2.68 -31.54 -3.07
N GLY B 8 -2.62 -32.85 -2.82
CA GLY B 8 -3.45 -33.47 -1.83
C GLY B 8 -4.68 -34.19 -2.33
N GLY B 9 -4.89 -34.23 -3.65
CA GLY B 9 -6.04 -34.94 -4.18
C GLY B 9 -5.89 -36.44 -4.08
N GLY B 10 -7.03 -37.11 -4.04
CA GLY B 10 -7.06 -38.56 -3.96
C GLY B 10 -8.37 -39.05 -3.40
N LEU B 11 -8.59 -40.35 -3.53
CA LEU B 11 -9.80 -40.98 -3.04
C LEU B 11 -9.77 -41.12 -1.52
N VAL B 12 -10.96 -41.13 -0.91
CA VAL B 12 -11.09 -41.26 0.53
C VAL B 12 -12.45 -41.89 0.81
N GLN B 13 -12.51 -42.70 1.87
CA GLN B 13 -13.75 -43.33 2.27
C GLN B 13 -14.70 -42.31 2.88
N ALA B 14 -15.97 -42.69 2.96
CA ALA B 14 -16.99 -41.81 3.52
C ALA B 14 -16.76 -41.62 5.02
N GLY B 15 -16.98 -40.40 5.49
CA GLY B 15 -16.78 -40.07 6.88
C GLY B 15 -15.34 -39.84 7.29
N GLY B 16 -14.43 -39.75 6.33
CA GLY B 16 -13.02 -39.57 6.61
C GLY B 16 -12.61 -38.12 6.65
N SER B 17 -11.33 -37.87 6.37
CA SER B 17 -10.77 -36.53 6.37
C SER B 17 -9.83 -36.37 5.18
N LEU B 18 -9.69 -35.13 4.72
CA LEU B 18 -8.83 -34.88 3.56
C LEU B 18 -8.34 -33.44 3.60
N ARG B 19 -7.15 -33.24 3.00
CA ARG B 19 -6.51 -31.94 2.90
C ARG B 19 -6.09 -31.69 1.46
N LEU B 20 -6.30 -30.45 0.99
CA LEU B 20 -5.70 -29.99 -0.24
C LEU B 20 -4.95 -28.69 0.00
N SER B 21 -3.85 -28.53 -0.72
CA SER B 21 -3.02 -27.33 -0.64
C SER B 21 -2.83 -26.75 -2.03
N CYS B 22 -3.14 -25.48 -2.19
CA CYS B 22 -2.94 -24.78 -3.45
C CYS B 22 -1.90 -23.68 -3.25
N ALA B 23 -0.87 -23.70 -4.09
CA ALA B 23 0.25 -22.77 -4.01
C ALA B 23 0.21 -21.84 -5.21
N ALA B 24 0.45 -20.55 -4.97
CA ALA B 24 0.44 -19.54 -6.00
C ALA B 24 1.79 -18.85 -6.08
N SER B 25 2.17 -18.48 -7.31
CA SER B 25 3.43 -17.78 -7.56
C SER B 25 3.14 -16.57 -8.43
N GLY B 26 3.33 -15.37 -7.86
CA GLY B 26 3.11 -14.13 -8.56
C GLY B 26 4.28 -13.18 -8.44
N THR B 27 3.97 -11.88 -8.56
CA THR B 27 4.99 -10.84 -8.47
C THR B 27 4.82 -9.93 -7.26
N ILE B 28 3.60 -9.58 -6.89
CA ILE B 28 3.34 -8.77 -5.69
C ILE B 28 2.11 -9.29 -4.98
N PHE B 29 2.34 -10.01 -3.87
CA PHE B 29 1.31 -10.58 -2.99
C PHE B 29 0.53 -11.69 -3.70
N GLY B 30 0.84 -11.93 -4.97
CA GLY B 30 0.18 -12.92 -5.78
C GLY B 30 -1.32 -12.70 -5.83
N PRO B 31 -2.07 -13.71 -5.39
CA PRO B 31 -3.52 -13.58 -5.34
C PRO B 31 -3.97 -12.65 -4.23
N ASP B 32 -5.16 -12.08 -4.40
CA ASP B 32 -5.79 -11.27 -3.37
C ASP B 32 -6.91 -12.01 -2.66
N VAL B 33 -7.70 -12.80 -3.39
CA VAL B 33 -8.76 -13.61 -2.84
C VAL B 33 -8.58 -15.05 -3.31
N MET B 34 -8.56 -15.99 -2.37
CA MET B 34 -8.43 -17.40 -2.70
C MET B 34 -9.78 -18.08 -2.54
N GLY B 35 -9.99 -19.12 -3.34
CA GLY B 35 -11.22 -19.88 -3.21
C GLY B 35 -11.06 -21.27 -3.78
N TRP B 36 -12.00 -22.13 -3.41
CA TRP B 36 -12.13 -23.47 -3.98
C TRP B 36 -13.48 -23.62 -4.63
N TYR B 37 -13.47 -24.11 -5.88
CA TYR B 37 -14.66 -24.46 -6.63
C TYR B 37 -14.64 -25.95 -6.87
N ARG B 38 -15.83 -26.55 -6.96
CA ARG B 38 -15.96 -27.97 -7.25
C ARG B 38 -16.92 -28.15 -8.42
N GLN B 39 -16.66 -29.20 -9.21
CA GLN B 39 -17.47 -29.53 -10.37
C GLN B 39 -17.77 -31.03 -10.35
N ALA B 40 -19.03 -31.37 -10.15
CA ALA B 40 -19.47 -32.74 -10.27
C ALA B 40 -19.68 -33.09 -11.75
N PRO B 41 -19.56 -34.37 -12.11
CA PRO B 41 -19.84 -34.76 -13.49
C PRO B 41 -21.30 -34.49 -13.86
N GLY B 42 -21.49 -33.92 -15.04
CA GLY B 42 -22.82 -33.50 -15.46
C GLY B 42 -23.40 -32.40 -14.59
N LYS B 43 -22.56 -31.47 -14.16
CA LYS B 43 -22.98 -30.42 -13.23
C LYS B 43 -21.96 -29.29 -13.33
N GLU B 44 -22.44 -28.06 -13.44
CA GLU B 44 -21.55 -26.92 -13.60
C GLU B 44 -20.75 -26.68 -12.33
N ARG B 45 -19.63 -25.97 -12.48
CA ARG B 45 -18.75 -25.70 -11.35
C ARG B 45 -19.42 -24.78 -10.33
N GLU B 46 -19.13 -24.98 -9.05
CA GLU B 46 -19.78 -24.20 -7.98
C GLU B 46 -18.76 -23.82 -6.91
N LEU B 47 -18.95 -22.72 -6.19
CA LEU B 47 -17.97 -22.27 -5.22
C LEU B 47 -18.13 -22.93 -3.86
N VAL B 48 -17.26 -23.88 -3.55
CA VAL B 48 -17.30 -24.53 -2.23
C VAL B 48 -16.90 -23.64 -1.05
N ALA B 49 -15.84 -22.83 -1.21
CA ALA B 49 -15.36 -21.99 -0.10
C ALA B 49 -14.56 -20.79 -0.59
N GLY B 50 -14.46 -19.75 0.25
CA GLY B 50 -13.70 -18.57 -0.13
C GLY B 50 -12.99 -17.91 1.04
N ILE B 51 -11.92 -17.17 0.77
CA ILE B 51 -11.15 -16.54 1.84
C ILE B 51 -10.39 -15.37 1.23
N SER B 52 -10.18 -14.32 2.04
CA SER B 52 -9.26 -13.25 1.68
C SER B 52 -8.07 -13.19 2.62
N ASN B 53 -8.32 -13.01 3.93
CA ASN B 53 -7.32 -13.12 4.98
C ASN B 53 -8.04 -13.17 6.33
N GLY B 54 -7.36 -13.74 7.32
CA GLY B 54 -7.90 -13.82 8.67
C GLY B 54 -9.19 -14.61 8.74
N ALA B 55 -10.07 -14.17 9.62
CA ALA B 55 -11.40 -14.78 9.78
C ALA B 55 -12.44 -14.00 8.97
N ASN B 56 -12.20 -13.92 7.65
CA ASN B 56 -13.11 -13.26 6.74
C ASN B 56 -13.59 -14.24 5.69
N THR B 57 -13.99 -15.43 6.13
CA THR B 57 -14.22 -16.57 5.26
C THR B 57 -15.68 -16.65 4.81
N TYR B 58 -15.93 -17.54 3.86
CA TYR B 58 -17.28 -17.84 3.41
C TYR B 58 -17.33 -19.30 2.98
N TYR B 59 -18.38 -20.00 3.38
CA TYR B 59 -18.60 -21.39 3.01
C TYR B 59 -19.96 -21.53 2.35
N ALA B 60 -20.03 -22.47 1.41
CA ALA B 60 -21.30 -22.76 0.75
C ALA B 60 -22.30 -23.33 1.75
N ASP B 61 -23.57 -23.03 1.54
CA ASP B 61 -24.62 -23.37 2.50
C ASP B 61 -24.76 -24.88 2.70
N SER B 62 -24.32 -25.69 1.73
CA SER B 62 -24.39 -27.13 1.88
C SER B 62 -23.19 -27.72 2.63
N VAL B 63 -22.15 -26.93 2.89
CA VAL B 63 -20.95 -27.46 3.52
C VAL B 63 -20.58 -26.64 4.76
N LYS B 64 -21.53 -25.84 5.26
CA LYS B 64 -21.27 -25.07 6.46
C LYS B 64 -21.12 -25.97 7.66
N GLY B 65 -20.10 -25.70 8.48
CA GLY B 65 -19.84 -26.48 9.67
C GLY B 65 -19.06 -27.76 9.44
N ARG B 66 -18.74 -28.09 8.19
CA ARG B 66 -17.98 -29.29 7.86
C ARG B 66 -16.63 -29.00 7.25
N PHE B 67 -16.54 -27.96 6.42
CA PHE B 67 -15.30 -27.60 5.75
C PHE B 67 -14.62 -26.46 6.50
N THR B 68 -13.32 -26.32 6.30
CA THR B 68 -12.62 -25.15 6.81
C THR B 68 -11.47 -24.81 5.87
N ILE B 69 -11.09 -23.53 5.89
CA ILE B 69 -10.13 -22.98 4.94
C ILE B 69 -9.16 -22.09 5.71
N SER B 70 -7.91 -22.06 5.25
CA SER B 70 -6.91 -21.23 5.90
C SER B 70 -5.88 -20.78 4.86
N ARG B 71 -5.16 -19.72 5.20
CA ARG B 71 -4.14 -19.16 4.32
C ARG B 71 -2.83 -19.03 5.09
N ASP B 72 -1.72 -19.20 4.37
CA ASP B 72 -0.39 -19.13 4.96
C ASP B 72 0.47 -18.19 4.14
N ASN B 73 1.14 -17.26 4.82
CA ASN B 73 1.98 -16.26 4.18
C ASN B 73 3.44 -16.66 4.05
N ALA B 74 3.89 -17.65 4.82
CA ALA B 74 5.28 -18.09 4.72
C ALA B 74 5.56 -18.68 3.34
N LYS B 75 4.63 -19.44 2.79
CA LYS B 75 4.73 -19.96 1.44
C LYS B 75 3.63 -19.45 0.53
N ASN B 76 2.76 -18.57 1.02
CA ASN B 76 1.67 -17.96 0.24
C ASN B 76 0.77 -19.02 -0.39
N THR B 77 0.26 -19.90 0.46
CA THR B 77 -0.57 -21.02 0.03
C THR B 77 -1.92 -20.98 0.73
N VAL B 78 -2.84 -21.80 0.25
CA VAL B 78 -4.17 -21.94 0.84
C VAL B 78 -4.42 -23.41 1.13
N TYR B 79 -4.93 -23.71 2.33
CA TYR B 79 -5.14 -25.07 2.81
C TYR B 79 -6.63 -25.28 3.04
N LEU B 80 -7.18 -26.30 2.40
CA LEU B 80 -8.59 -26.68 2.56
C LEU B 80 -8.65 -28.02 3.29
N GLN B 81 -9.35 -28.03 4.42
CA GLN B 81 -9.57 -29.20 5.25
C GLN B 81 -11.03 -29.58 5.19
N MET B 82 -11.34 -30.83 4.84
CA MET B 82 -12.68 -31.34 5.05
C MET B 82 -12.67 -32.59 5.92
N ASN B 83 -13.68 -32.68 6.78
CA ASN B 83 -13.87 -33.78 7.70
C ASN B 83 -15.28 -34.32 7.50
N SER B 84 -15.45 -35.61 7.76
CA SER B 84 -16.74 -36.31 7.61
C SER B 84 -17.28 -36.18 6.19
N LEU B 85 -16.54 -36.79 5.27
CA LEU B 85 -16.88 -36.73 3.86
C LEU B 85 -18.22 -37.41 3.59
N LYS B 86 -18.97 -36.84 2.66
CA LYS B 86 -20.26 -37.29 2.17
C LYS B 86 -20.11 -37.79 0.73
N PRO B 87 -20.91 -38.78 0.30
CA PRO B 87 -20.70 -39.36 -1.03
C PRO B 87 -21.18 -38.51 -2.19
N GLU B 88 -21.78 -37.35 -1.94
CA GLU B 88 -22.07 -36.40 -3.01
C GLU B 88 -20.94 -35.41 -3.24
N ASP B 89 -19.84 -35.52 -2.49
CA ASP B 89 -18.70 -34.62 -2.62
C ASP B 89 -17.74 -35.05 -3.71
N THR B 90 -18.01 -36.18 -4.39
CA THR B 90 -17.18 -36.63 -5.49
C THR B 90 -17.20 -35.64 -6.64
N ALA B 91 -16.07 -34.97 -6.88
CA ALA B 91 -16.02 -33.90 -7.87
C ALA B 91 -14.57 -33.61 -8.21
N VAL B 92 -14.37 -32.79 -9.24
CA VAL B 92 -13.06 -32.23 -9.53
C VAL B 92 -12.97 -30.86 -8.89
N TYR B 93 -11.89 -30.62 -8.15
CA TYR B 93 -11.74 -29.42 -7.34
C TYR B 93 -10.67 -28.52 -7.97
N TYR B 94 -10.97 -27.22 -8.04
CA TYR B 94 -10.05 -26.22 -8.54
C TYR B 94 -9.85 -25.14 -7.48
N CYS B 95 -8.64 -24.61 -7.42
CA CYS B 95 -8.36 -23.45 -6.59
C CYS B 95 -8.30 -22.22 -7.50
N ALA B 96 -9.09 -21.21 -7.16
CA ALA B 96 -9.23 -20.00 -7.95
C ALA B 96 -8.61 -18.83 -7.22
N ALA B 97 -7.83 -18.03 -7.94
CA ALA B 97 -7.14 -16.88 -7.39
C ALA B 97 -7.63 -15.62 -8.08
N GLU B 98 -8.11 -14.66 -7.30
CA GLU B 98 -8.63 -13.41 -7.84
C GLU B 98 -7.74 -12.27 -7.41
N VAL B 99 -7.26 -11.50 -8.39
CA VAL B 99 -6.53 -10.26 -8.15
C VAL B 99 -7.43 -9.13 -8.60
N LEU B 100 -7.87 -8.31 -7.65
CA LEU B 100 -8.79 -7.22 -7.94
C LEU B 100 -8.11 -5.89 -7.68
N ASP B 101 -8.41 -4.91 -8.53
CA ASP B 101 -7.75 -3.61 -8.47
C ASP B 101 -8.48 -2.75 -7.43
N TYR B 102 -7.71 -1.94 -6.71
CA TYR B 102 -8.29 -1.11 -5.67
C TYR B 102 -9.00 0.11 -6.23
N THR B 103 -8.47 0.69 -7.30
CA THR B 103 -9.00 1.97 -7.80
C THR B 103 -10.41 1.81 -8.37
N PHE B 104 -10.66 0.73 -9.11
CA PHE B 104 -11.95 0.51 -9.74
C PHE B 104 -12.32 -0.96 -9.63
N ALA B 105 -13.39 -1.24 -8.89
CA ALA B 105 -13.65 -2.59 -8.39
C ALA B 105 -14.17 -3.54 -9.47
N TYR B 106 -14.69 -3.02 -10.58
CA TYR B 106 -15.23 -3.89 -11.63
C TYR B 106 -14.14 -4.73 -12.28
N LEU B 107 -12.96 -4.14 -12.52
CA LEU B 107 -11.85 -4.91 -13.06
C LEU B 107 -11.37 -5.94 -12.05
N TYR B 108 -11.12 -7.15 -12.55
CA TYR B 108 -10.60 -8.24 -11.73
C TYR B 108 -9.99 -9.27 -12.67
N HIS B 109 -9.06 -10.05 -12.14
CA HIS B 109 -8.41 -11.11 -12.89
C HIS B 109 -8.56 -12.40 -12.13
N ALA B 110 -9.16 -13.40 -12.77
CA ALA B 110 -9.39 -14.70 -12.17
C ALA B 110 -8.46 -15.73 -12.81
N TYR B 111 -7.79 -16.52 -12.00
CA TYR B 111 -6.87 -17.54 -12.45
C TYR B 111 -7.30 -18.88 -11.89
N TRP B 112 -7.38 -19.89 -12.76
CA TRP B 112 -7.85 -21.21 -12.39
C TRP B 112 -6.70 -22.20 -12.52
N GLY B 113 -6.63 -23.14 -11.58
CA GLY B 113 -5.61 -24.16 -11.59
C GLY B 113 -6.03 -25.40 -12.36
N GLN B 114 -5.22 -26.45 -12.23
CA GLN B 114 -5.48 -27.69 -12.95
C GLN B 114 -6.65 -28.45 -12.35
N GLY B 115 -6.71 -28.54 -11.02
CA GLY B 115 -7.76 -29.28 -10.35
C GLY B 115 -7.40 -30.74 -10.13
N THR B 116 -7.99 -31.32 -9.09
CA THR B 116 -7.75 -32.71 -8.73
C THR B 116 -9.09 -33.43 -8.54
N GLN B 117 -9.09 -34.72 -8.86
CA GLN B 117 -10.30 -35.53 -8.78
C GLN B 117 -10.39 -36.14 -7.37
N VAL B 118 -11.53 -35.94 -6.71
CA VAL B 118 -11.76 -36.45 -5.36
C VAL B 118 -13.02 -37.29 -5.39
N THR B 119 -12.90 -38.57 -5.06
CA THR B 119 -14.01 -39.51 -5.06
C THR B 119 -14.26 -39.99 -3.63
N VAL B 120 -15.53 -40.00 -3.24
CA VAL B 120 -15.96 -40.45 -1.91
C VAL B 120 -16.65 -41.79 -2.09
N SER B 121 -16.11 -42.83 -1.48
CA SER B 121 -16.67 -44.17 -1.54
C SER B 121 -17.33 -44.50 -0.21
N SER B 122 -18.55 -45.03 -0.27
CA SER B 122 -19.27 -45.38 0.95
C SER B 122 -18.60 -46.54 1.69
N HIS B 123 -18.09 -47.52 0.94
CA HIS B 123 -17.47 -48.69 1.53
C HIS B 123 -16.08 -48.88 0.94
N HIS B 124 -15.21 -49.54 1.72
CA HIS B 124 -13.85 -49.80 1.29
C HIS B 124 -13.78 -51.03 0.40
#